data_5GL7
#
_entry.id   5GL7
#
_cell.length_a   65.035
_cell.length_b   93.030
_cell.length_c   122.084
_cell.angle_alpha   90.00
_cell.angle_beta   90.00
_cell.angle_gamma   90.00
#
_symmetry.space_group_name_H-M   'P 21 21 21'
#
loop_
_entity.id
_entity.type
_entity.pdbx_description
1 polymer 'Methionine--tRNA ligase, cytoplasmic'
2 non-polymer 'ZINC ION'
3 non-polymer GLYCEROL
4 water water
#
_entity_poly.entity_id   1
_entity_poly.type   'polypeptide(L)'
_entity_poly.pdbx_seq_one_letter_code
;MSEEEELATLSEEEIAMAVTAWEKGLESLPPLRPQQNPVLPVAGERNVLITSALPYVNNVPHLGNIIGCVLSADVFARYS
RLRQWNTLYLCGTDEYGTATETKALEEGLTPQEICDKYHIIHADIYRWFNISFDIFGRTTTPQQTKITQDIFQQLLKRGF
VLQDTVEQLRCEHCARFLADRFVEGVCPFCGYEEARGDQCDKCGKLINAVELKKPQCKVCRSCPVVQSSQHLFLDLPKLE
KRLEEWLGRTLPGSDWTPNAQFITRSWLRDGLKPRCITRDLKWGTPVPLEGFEDKVFYVWFDATIGYLSITANYTDQWER
WWKNPEQVDLYQFMAKDNVPFHSLVFPCSALGAEDNYTLVSHLIATEYLNYEDGKFSKSRGVGVFGDMAQDTGIPADIWR
FYLLYIRPEGQDSAFSWTDLLLKNNSELLNNLGNFINRAGMFVSKFFGGYVPEMVLTPDDQRLLAHVTLELQHYHQLLEK
VRIRDALRSILTISRHGNQYIQVNEPWKRIKGSEADRQRAGTVTGLAVNIAALLSVMLQPYMPTVSATIQAQLQLPPPAC
SILLTNFLCTLPAGHQIGTVSPLFQKLENDQIESLRQRFGGGQAKTSPKPAVVETVLEHHHHHH
;
_entity_poly.pdbx_strand_id   A
#
loop_
_chem_comp.id
_chem_comp.type
_chem_comp.name
_chem_comp.formula
GOL non-polymer GLYCEROL 'C3 H8 O3'
ZN non-polymer 'ZINC ION' 'Zn 2'
#
# COMPACT_ATOMS: atom_id res chain seq x y z
N ALA A 8 30.37 15.82 -7.31
CA ALA A 8 31.37 14.80 -7.02
C ALA A 8 32.09 14.36 -8.29
N THR A 9 33.16 13.59 -8.11
CA THR A 9 34.01 13.18 -9.23
C THR A 9 33.77 11.72 -9.61
N LEU A 10 33.62 11.48 -10.91
CA LEU A 10 33.41 10.14 -11.43
C LEU A 10 34.60 9.66 -12.27
N SER A 11 34.60 8.38 -12.62
CA SER A 11 35.64 7.83 -13.47
C SER A 11 35.43 8.26 -14.92
N GLU A 12 36.47 8.16 -15.73
CA GLU A 12 36.38 8.49 -17.14
C GLU A 12 35.40 7.56 -17.85
N GLU A 13 35.45 6.28 -17.47
CA GLU A 13 34.64 5.25 -18.12
C GLU A 13 33.17 5.38 -17.73
N GLU A 14 32.91 5.76 -16.48
CA GLU A 14 31.54 5.97 -16.02
C GLU A 14 30.86 7.04 -16.84
N ILE A 15 31.56 8.14 -17.07
CA ILE A 15 31.06 9.23 -17.90
C ILE A 15 30.89 8.76 -19.34
N ALA A 16 31.88 8.03 -19.84
CA ALA A 16 31.85 7.53 -21.21
C ALA A 16 30.67 6.59 -21.46
N MET A 17 30.41 5.70 -20.51
CA MET A 17 29.29 4.77 -20.63
C MET A 17 27.95 5.50 -20.58
N ALA A 18 27.89 6.56 -19.78
CA ALA A 18 26.66 7.33 -19.61
C ALA A 18 26.32 8.10 -20.88
N VAL A 19 27.32 8.78 -21.43
CA VAL A 19 27.13 9.57 -22.66
C VAL A 19 26.75 8.67 -23.83
N THR A 20 27.44 7.54 -23.93
CA THR A 20 27.18 6.56 -24.98
C THR A 20 25.72 6.09 -24.97
N ALA A 21 25.24 5.70 -23.80
CA ALA A 21 23.86 5.24 -23.64
C ALA A 21 22.87 6.37 -23.92
N TRP A 22 23.26 7.59 -23.59
CA TRP A 22 22.39 8.74 -23.76
C TRP A 22 22.20 9.10 -25.23
N GLU A 23 23.30 9.05 -25.98
CA GLU A 23 23.28 9.39 -27.40
C GLU A 23 22.51 8.36 -28.22
N LYS A 24 22.48 7.13 -27.73
CA LYS A 24 21.82 6.02 -28.44
C LYS A 24 20.34 6.32 -28.66
N GLY A 25 19.78 7.16 -27.79
CA GLY A 25 18.45 7.73 -28.03
C GLY A 25 17.27 6.80 -27.90
N LEU A 26 16.24 7.07 -28.71
CA LEU A 26 14.93 6.45 -28.54
C LEU A 26 14.81 4.98 -28.92
N GLU A 27 15.71 4.48 -29.78
CA GLU A 27 15.60 3.10 -30.22
C GLU A 27 16.33 2.14 -29.29
N SER A 28 16.78 2.65 -28.15
CA SER A 28 17.20 1.77 -27.05
C SER A 28 15.93 1.25 -26.37
N LEU A 29 14.82 1.92 -26.64
CA LEU A 29 13.52 1.51 -26.11
C LEU A 29 13.01 0.29 -26.87
N PRO A 30 12.73 -0.81 -26.13
CA PRO A 30 12.11 -1.98 -26.72
C PRO A 30 10.66 -1.68 -27.09
N PRO A 31 10.19 -2.19 -28.25
CA PRO A 31 8.78 -2.02 -28.63
C PRO A 31 7.85 -2.63 -27.58
N LEU A 32 7.31 -1.77 -26.71
CA LEU A 32 6.54 -2.21 -25.55
C LEU A 32 5.36 -3.09 -25.93
N ARG A 33 5.13 -4.12 -25.11
CA ARG A 33 4.06 -5.10 -25.34
C ARG A 33 2.69 -4.50 -25.05
N PRO A 34 1.69 -4.82 -25.88
CA PRO A 34 0.33 -4.35 -25.64
C PRO A 34 -0.27 -4.89 -24.33
N GLN A 35 -1.06 -4.07 -23.65
CA GLN A 35 -1.62 -4.42 -22.36
C GLN A 35 -2.51 -5.66 -22.44
N GLN A 36 -2.51 -6.45 -21.37
CA GLN A 36 -3.30 -7.67 -21.32
C GLN A 36 -4.40 -7.60 -20.27
N ASN A 37 -5.54 -8.22 -20.57
CA ASN A 37 -6.64 -8.30 -19.63
C ASN A 37 -7.38 -9.63 -19.80
N PRO A 38 -7.26 -10.52 -18.80
CA PRO A 38 -6.53 -10.32 -17.55
C PRO A 38 -5.02 -10.46 -17.65
N VAL A 39 -4.28 -9.80 -16.76
CA VAL A 39 -2.84 -9.93 -16.72
C VAL A 39 -2.46 -11.29 -16.14
N LEU A 40 -1.63 -12.03 -16.87
CA LEU A 40 -1.23 -13.37 -16.46
C LEU A 40 0.28 -13.51 -16.51
N PRO A 41 0.83 -14.44 -15.70
CA PRO A 41 2.27 -14.68 -15.71
C PRO A 41 2.78 -15.14 -17.08
N VAL A 42 3.94 -14.63 -17.48
CA VAL A 42 4.58 -15.06 -18.72
C VAL A 42 5.89 -15.76 -18.41
N ALA A 43 6.03 -16.99 -18.90
CA ALA A 43 7.24 -17.78 -18.67
C ALA A 43 8.47 -17.08 -19.23
N GLY A 44 9.53 -17.03 -18.44
CA GLY A 44 10.77 -16.42 -18.87
C GLY A 44 10.88 -14.95 -18.49
N GLU A 45 9.74 -14.36 -18.14
CA GLU A 45 9.71 -12.97 -17.70
C GLU A 45 9.45 -12.90 -16.21
N ARG A 46 9.70 -11.75 -15.59
CA ARG A 46 9.38 -11.63 -14.17
C ARG A 46 7.89 -11.36 -14.00
N ASN A 47 7.28 -12.11 -13.08
CA ASN A 47 5.86 -11.98 -12.81
C ASN A 47 5.63 -11.54 -11.37
N VAL A 48 5.20 -10.29 -11.21
CA VAL A 48 5.08 -9.69 -9.89
C VAL A 48 3.64 -9.58 -9.42
N LEU A 49 3.32 -10.36 -8.38
CA LEU A 49 2.00 -10.31 -7.76
C LEU A 49 2.05 -9.41 -6.53
N ILE A 50 1.15 -8.43 -6.49
CA ILE A 50 1.15 -7.46 -5.41
C ILE A 50 -0.20 -7.37 -4.73
N THR A 51 -0.20 -7.52 -3.40
CA THR A 51 -1.40 -7.34 -2.62
C THR A 51 -1.24 -6.20 -1.63
N SER A 52 -2.32 -5.48 -1.39
CA SER A 52 -2.40 -4.57 -0.27
C SER A 52 -3.35 -5.19 0.74
N ALA A 53 -3.10 -4.96 2.02
CA ALA A 53 -3.98 -5.48 3.06
C ALA A 53 -5.41 -5.00 2.84
N LEU A 54 -6.36 -5.91 3.03
CA LEU A 54 -7.76 -5.60 2.77
C LEU A 54 -8.35 -4.74 3.89
N PRO A 55 -8.69 -3.48 3.57
CA PRO A 55 -9.28 -2.59 4.58
C PRO A 55 -10.63 -3.11 5.07
N TYR A 56 -10.87 -3.01 6.38
CA TYR A 56 -12.18 -3.36 6.91
C TYR A 56 -13.19 -2.40 6.31
N VAL A 57 -14.27 -2.96 5.75
CA VAL A 57 -15.18 -2.18 4.90
C VAL A 57 -15.93 -1.06 5.65
N ASN A 58 -16.40 -1.33 6.86
CA ASN A 58 -17.36 -0.43 7.50
C ASN A 58 -16.73 0.69 8.31
N ASN A 59 -15.44 0.89 8.15
CA ASN A 59 -14.76 2.07 8.70
C ASN A 59 -14.15 2.91 7.58
N VAL A 60 -14.48 4.20 7.56
CA VAL A 60 -13.85 5.11 6.62
C VAL A 60 -12.37 5.16 6.91
N PRO A 61 -11.53 4.90 5.91
CA PRO A 61 -10.08 4.90 6.13
C PRO A 61 -9.53 6.31 6.27
N HIS A 62 -8.50 6.47 7.09
CA HIS A 62 -7.81 7.76 7.20
C HIS A 62 -6.45 7.67 6.52
N LEU A 63 -5.69 8.76 6.56
CA LEU A 63 -4.41 8.82 5.84
C LEU A 63 -3.42 7.78 6.33
N GLY A 64 -3.49 7.45 7.62
CA GLY A 64 -2.62 6.43 8.19
C GLY A 64 -2.84 5.06 7.56
N ASN A 65 -4.10 4.72 7.32
CA ASN A 65 -4.45 3.46 6.67
C ASN A 65 -3.97 3.43 5.23
N ILE A 66 -4.09 4.57 4.55
CA ILE A 66 -3.79 4.67 3.13
C ILE A 66 -2.28 4.55 2.85
N ILE A 67 -1.47 5.25 3.62
CA ILE A 67 -0.03 5.26 3.39
C ILE A 67 0.58 3.88 3.65
N GLY A 68 0.07 3.18 4.65
CA GLY A 68 0.64 1.91 5.05
C GLY A 68 0.35 0.77 4.09
N CYS A 69 -0.71 0.90 3.32
CA CYS A 69 -1.17 -0.22 2.49
C CYS A 69 -1.38 0.14 1.02
N VAL A 70 -2.53 0.71 0.68
CA VAL A 70 -2.90 0.91 -0.72
C VAL A 70 -1.97 1.86 -1.46
N LEU A 71 -1.49 2.91 -0.79
CA LEU A 71 -0.64 3.89 -1.45
C LEU A 71 0.78 3.37 -1.61
N SER A 72 1.27 2.68 -0.59
CA SER A 72 2.60 2.06 -0.65
C SER A 72 2.63 1.01 -1.75
N ALA A 73 1.59 0.19 -1.81
CA ALA A 73 1.50 -0.86 -2.81
C ALA A 73 1.37 -0.27 -4.22
N ASP A 74 0.70 0.87 -4.32
CA ASP A 74 0.50 1.53 -5.61
C ASP A 74 1.82 2.01 -6.22
N VAL A 75 2.71 2.53 -5.38
CA VAL A 75 3.99 3.04 -5.85
C VAL A 75 4.81 1.91 -6.47
N PHE A 76 4.90 0.79 -5.77
CA PHE A 76 5.67 -0.34 -6.27
C PHE A 76 5.01 -0.95 -7.51
N ALA A 77 3.68 -0.97 -7.52
CA ALA A 77 2.93 -1.50 -8.65
C ALA A 77 3.23 -0.70 -9.93
N ARG A 78 3.22 0.62 -9.80
CA ARG A 78 3.48 1.50 -10.94
C ARG A 78 4.93 1.40 -11.39
N TYR A 79 5.84 1.29 -10.43
CA TYR A 79 7.25 1.12 -10.75
C TYR A 79 7.48 -0.22 -11.46
N SER A 80 6.79 -1.25 -10.98
CA SER A 80 6.91 -2.59 -11.54
C SER A 80 6.50 -2.61 -13.01
N ARG A 81 5.49 -1.83 -13.35
CA ARG A 81 5.00 -1.76 -14.72
C ARG A 81 5.99 -1.00 -15.61
N LEU A 82 6.65 -0.01 -15.04
CA LEU A 82 7.68 0.74 -15.76
C LEU A 82 8.89 -0.14 -16.04
N ARG A 83 9.08 -1.18 -15.22
CA ARG A 83 10.16 -2.13 -15.42
C ARG A 83 9.71 -3.28 -16.33
N GLN A 84 8.53 -3.13 -16.92
CA GLN A 84 7.97 -4.09 -17.86
C GLN A 84 7.75 -5.47 -17.25
N TRP A 85 7.71 -5.54 -15.92
CA TRP A 85 7.37 -6.78 -15.24
C TRP A 85 5.87 -7.03 -15.36
N ASN A 86 5.49 -8.28 -15.59
CA ASN A 86 4.08 -8.63 -15.62
C ASN A 86 3.48 -8.42 -14.23
N THR A 87 2.70 -7.35 -14.09
CA THR A 87 2.28 -6.87 -12.78
C THR A 87 0.77 -7.02 -12.54
N LEU A 88 0.43 -7.64 -11.42
CA LEU A 88 -0.96 -7.72 -10.98
C LEU A 88 -1.09 -7.17 -9.57
N TYR A 89 -1.67 -5.98 -9.46
CA TYR A 89 -1.91 -5.35 -8.16
C TYR A 89 -3.37 -5.51 -7.79
N LEU A 90 -3.62 -6.21 -6.67
CA LEU A 90 -4.99 -6.46 -6.25
C LEU A 90 -5.23 -6.04 -4.80
N CYS A 91 -6.47 -5.71 -4.51
CA CYS A 91 -6.90 -5.40 -3.14
C CYS A 91 -8.42 -5.55 -3.09
N GLY A 92 -9.03 -5.14 -1.99
CA GLY A 92 -10.47 -5.25 -1.84
C GLY A 92 -10.91 -5.03 -0.41
N THR A 93 -12.21 -5.06 -0.16
CA THR A 93 -12.73 -4.77 1.16
C THR A 93 -12.99 -6.04 2.00
N ASP A 94 -12.55 -5.98 3.25
CA ASP A 94 -12.79 -7.04 4.23
C ASP A 94 -14.14 -6.78 4.90
N GLU A 95 -15.07 -7.73 4.77
CA GLU A 95 -16.47 -7.43 5.07
C GLU A 95 -17.16 -8.31 6.11
N TYR A 96 -16.70 -9.54 6.29
CA TYR A 96 -17.34 -10.46 7.24
C TYR A 96 -17.02 -10.14 8.70
N GLY A 97 -17.82 -10.66 9.62
CA GLY A 97 -17.49 -10.55 11.04
C GLY A 97 -18.55 -9.97 11.95
N THR A 98 -18.30 -10.07 13.26
CA THR A 98 -19.21 -9.56 14.28
C THR A 98 -19.38 -8.04 14.20
N ALA A 99 -18.29 -7.34 13.89
CA ALA A 99 -18.30 -5.88 13.80
C ALA A 99 -19.31 -5.40 12.76
N THR A 100 -19.37 -6.10 11.64
CA THR A 100 -20.30 -5.77 10.57
C THR A 100 -21.75 -5.96 11.02
N GLU A 101 -22.02 -7.06 11.71
CA GLU A 101 -23.35 -7.33 12.23
C GLU A 101 -23.80 -6.23 13.21
N THR A 102 -22.88 -5.82 14.07
CA THR A 102 -23.16 -4.78 15.06
C THR A 102 -23.43 -3.43 14.40
N LYS A 103 -22.58 -3.05 13.46
CA LYS A 103 -22.69 -1.76 12.79
C LYS A 103 -23.91 -1.69 11.87
N ALA A 104 -24.23 -2.80 11.22
CA ALA A 104 -25.41 -2.84 10.36
C ALA A 104 -26.68 -2.61 11.17
N LEU A 105 -26.71 -3.20 12.37
CA LEU A 105 -27.81 -3.03 13.30
C LEU A 105 -27.97 -1.56 13.69
N GLU A 106 -26.85 -0.90 13.95
CA GLU A 106 -26.85 0.49 14.38
C GLU A 106 -27.32 1.43 13.27
N GLU A 107 -27.05 1.06 12.02
CA GLU A 107 -27.43 1.89 10.89
C GLU A 107 -28.77 1.46 10.30
N GLY A 108 -29.40 0.47 10.92
CA GLY A 108 -30.69 -0.02 10.47
C GLY A 108 -30.63 -0.67 9.10
N LEU A 109 -29.55 -1.38 8.83
CA LEU A 109 -29.36 -2.04 7.55
C LEU A 109 -29.03 -3.51 7.74
N THR A 110 -29.11 -4.29 6.66
CA THR A 110 -28.62 -5.66 6.68
C THR A 110 -27.10 -5.62 6.52
N PRO A 111 -26.41 -6.69 6.94
CA PRO A 111 -24.95 -6.76 6.75
C PRO A 111 -24.56 -6.55 5.28
N GLN A 112 -25.30 -7.16 4.36
CA GLN A 112 -25.04 -6.99 2.94
C GLN A 112 -25.23 -5.53 2.51
N GLU A 113 -26.22 -4.88 3.11
CA GLU A 113 -26.54 -3.49 2.76
C GLU A 113 -25.44 -2.52 3.17
N ILE A 114 -25.01 -2.59 4.42
CA ILE A 114 -24.01 -1.66 4.91
C ILE A 114 -22.64 -1.92 4.25
N CYS A 115 -22.39 -3.17 3.88
CA CYS A 115 -21.16 -3.53 3.19
C CYS A 115 -21.13 -2.98 1.78
N ASP A 116 -22.26 -3.08 1.08
CA ASP A 116 -22.39 -2.50 -0.25
C ASP A 116 -22.17 -1.00 -0.21
N LYS A 117 -22.75 -0.36 0.80
CA LYS A 117 -22.64 1.09 0.99
C LYS A 117 -21.20 1.54 1.16
N TYR A 118 -20.49 0.89 2.07
CA TYR A 118 -19.14 1.32 2.42
C TYR A 118 -18.08 0.83 1.44
N HIS A 119 -18.40 -0.19 0.65
CA HIS A 119 -17.48 -0.62 -0.40
C HIS A 119 -17.33 0.46 -1.45
N ILE A 120 -18.46 1.09 -1.79
CA ILE A 120 -18.46 2.20 -2.73
C ILE A 120 -17.64 3.37 -2.19
N ILE A 121 -17.78 3.63 -0.89
CA ILE A 121 -17.03 4.71 -0.25
C ILE A 121 -15.53 4.48 -0.36
N HIS A 122 -15.08 3.26 -0.07
CA HIS A 122 -13.68 2.89 -0.22
C HIS A 122 -13.21 3.07 -1.65
N ALA A 123 -13.96 2.49 -2.59
CA ALA A 123 -13.61 2.53 -4.00
C ALA A 123 -13.48 3.96 -4.52
N ASP A 124 -14.39 4.83 -4.07
CA ASP A 124 -14.38 6.23 -4.46
C ASP A 124 -13.15 6.96 -3.91
N ILE A 125 -12.80 6.66 -2.66
CA ILE A 125 -11.65 7.27 -2.02
C ILE A 125 -10.35 6.90 -2.73
N TYR A 126 -10.17 5.61 -2.98
CA TYR A 126 -8.93 5.13 -3.61
C TYR A 126 -8.85 5.56 -5.06
N ARG A 127 -10.00 5.75 -5.70
CA ARG A 127 -10.03 6.24 -7.06
C ARG A 127 -9.56 7.70 -7.12
N TRP A 128 -9.95 8.48 -6.12
CA TRP A 128 -9.53 9.88 -6.04
C TRP A 128 -8.02 9.99 -5.78
N PHE A 129 -7.49 9.07 -4.97
CA PHE A 129 -6.06 9.05 -4.69
C PHE A 129 -5.27 8.40 -5.82
N ASN A 130 -5.99 8.01 -6.87
CA ASN A 130 -5.39 7.42 -8.07
C ASN A 130 -4.62 6.14 -7.78
N ILE A 131 -5.25 5.23 -7.02
CA ILE A 131 -4.65 3.93 -6.77
C ILE A 131 -4.95 3.00 -7.92
N SER A 132 -3.90 2.54 -8.61
CA SER A 132 -4.06 1.78 -9.84
C SER A 132 -4.24 0.28 -9.61
N PHE A 133 -5.29 -0.09 -8.89
CA PHE A 133 -5.64 -1.50 -8.75
C PHE A 133 -5.88 -2.13 -10.11
N ASP A 134 -5.48 -3.38 -10.27
CA ASP A 134 -5.95 -4.16 -11.40
C ASP A 134 -7.32 -4.71 -11.03
N ILE A 135 -7.49 -5.01 -9.74
CA ILE A 135 -8.76 -5.47 -9.20
C ILE A 135 -8.99 -4.85 -7.82
N PHE A 136 -10.16 -4.27 -7.61
CA PHE A 136 -10.59 -3.93 -6.27
C PHE A 136 -11.87 -4.70 -5.96
N GLY A 137 -11.72 -5.81 -5.23
CA GLY A 137 -12.81 -6.74 -5.06
C GLY A 137 -13.47 -6.75 -3.69
N ARG A 138 -14.16 -7.85 -3.39
CA ARG A 138 -14.87 -8.02 -2.12
C ARG A 138 -14.72 -9.47 -1.64
N THR A 139 -14.81 -9.67 -0.33
CA THR A 139 -14.65 -11.01 0.23
C THR A 139 -15.99 -11.72 0.41
N THR A 140 -17.08 -11.03 0.08
CA THR A 140 -18.41 -11.61 0.23
C THR A 140 -18.94 -12.17 -1.09
N THR A 141 -18.26 -13.18 -1.61
CA THR A 141 -18.62 -13.79 -2.88
C THR A 141 -18.67 -15.31 -2.77
N PRO A 142 -19.38 -15.98 -3.69
CA PRO A 142 -19.38 -17.44 -3.74
C PRO A 142 -18.00 -18.06 -3.91
N GLN A 143 -17.10 -17.37 -4.62
CA GLN A 143 -15.74 -17.87 -4.81
C GLN A 143 -14.98 -17.90 -3.49
N GLN A 144 -15.25 -16.94 -2.62
CA GLN A 144 -14.66 -16.95 -1.29
C GLN A 144 -15.11 -18.18 -0.53
N THR A 145 -16.39 -18.51 -0.66
CA THR A 145 -16.95 -19.69 -0.02
C THR A 145 -16.31 -20.96 -0.58
N LYS A 146 -16.21 -21.03 -1.92
CA LYS A 146 -15.65 -22.21 -2.58
C LYS A 146 -14.20 -22.46 -2.21
N ILE A 147 -13.38 -21.41 -2.32
CA ILE A 147 -11.94 -21.55 -2.11
C ILE A 147 -11.59 -21.78 -0.64
N THR A 148 -12.30 -21.12 0.26
CA THR A 148 -12.10 -21.33 1.69
C THR A 148 -12.45 -22.76 2.10
N GLN A 149 -13.58 -23.24 1.59
CA GLN A 149 -14.03 -24.59 1.90
C GLN A 149 -13.08 -25.66 1.34
N ASP A 150 -12.50 -25.38 0.18
CA ASP A 150 -11.52 -26.28 -0.42
C ASP A 150 -10.29 -26.42 0.47
N ILE A 151 -9.68 -25.29 0.80
CA ILE A 151 -8.50 -25.24 1.65
C ILE A 151 -8.77 -25.91 3.00
N PHE A 152 -9.97 -25.70 3.53
CA PHE A 152 -10.38 -26.35 4.76
C PHE A 152 -10.37 -27.87 4.62
N GLN A 153 -10.97 -28.38 3.55
CA GLN A 153 -11.05 -29.82 3.31
C GLN A 153 -9.66 -30.43 3.19
N GLN A 154 -8.75 -29.72 2.53
CA GLN A 154 -7.37 -30.20 2.37
C GLN A 154 -6.67 -30.30 3.71
N LEU A 155 -6.88 -29.31 4.56
CA LEU A 155 -6.31 -29.30 5.90
C LEU A 155 -6.95 -30.36 6.79
N LEU A 156 -8.26 -30.54 6.63
CA LEU A 156 -9.02 -31.50 7.41
C LEU A 156 -8.56 -32.93 7.15
N LYS A 157 -8.37 -33.28 5.89
CA LYS A 157 -8.02 -34.64 5.50
C LYS A 157 -6.55 -34.94 5.76
N ARG A 158 -5.79 -33.94 6.17
CA ARG A 158 -4.37 -34.13 6.47
C ARG A 158 -4.10 -33.99 7.96
N GLY A 159 -5.18 -33.97 8.75
CA GLY A 159 -5.07 -33.97 10.20
C GLY A 159 -4.57 -32.67 10.81
N PHE A 160 -4.91 -31.55 10.19
CA PHE A 160 -4.49 -30.25 10.69
C PHE A 160 -5.65 -29.49 11.32
N VAL A 161 -6.82 -30.10 11.34
CA VAL A 161 -8.00 -29.48 11.93
C VAL A 161 -8.51 -30.25 13.15
N LEU A 162 -8.60 -29.57 14.28
CA LEU A 162 -9.10 -30.18 15.50
C LEU A 162 -10.55 -29.78 15.74
N GLN A 163 -11.29 -30.62 16.47
CA GLN A 163 -12.65 -30.29 16.87
C GLN A 163 -12.83 -30.48 18.37
N ASP A 164 -13.25 -29.42 19.05
CA ASP A 164 -13.42 -29.46 20.50
C ASP A 164 -14.70 -28.73 20.93
N THR A 165 -15.12 -28.97 22.17
CA THR A 165 -16.31 -28.31 22.69
C THR A 165 -15.89 -27.16 23.60
N VAL A 166 -16.59 -26.04 23.51
CA VAL A 166 -16.30 -24.90 24.38
C VAL A 166 -17.55 -24.47 25.14
N GLU A 167 -17.41 -24.30 26.46
CA GLU A 167 -18.52 -23.82 27.29
C GLU A 167 -18.62 -22.31 27.20
N GLN A 168 -19.79 -21.83 26.79
CA GLN A 168 -20.02 -20.40 26.61
C GLN A 168 -21.34 -19.96 27.23
N LEU A 169 -21.37 -18.73 27.75
CA LEU A 169 -22.62 -18.15 28.21
C LEU A 169 -23.49 -17.79 27.02
N ARG A 170 -24.78 -18.07 27.14
CA ARG A 170 -25.72 -17.78 26.07
C ARG A 170 -26.98 -17.10 26.58
N CYS A 171 -27.18 -15.84 26.19
CA CYS A 171 -28.45 -15.18 26.43
C CYS A 171 -29.51 -15.74 25.49
N GLU A 172 -30.43 -16.50 26.05
CA GLU A 172 -31.46 -17.14 25.25
C GLU A 172 -32.51 -16.13 24.81
N HIS A 173 -32.63 -15.04 25.55
CA HIS A 173 -33.54 -13.96 25.16
C HIS A 173 -32.98 -13.23 23.94
N CYS A 174 -31.70 -12.89 23.99
CA CYS A 174 -31.02 -12.21 22.88
C CYS A 174 -30.69 -13.21 21.77
N ALA A 175 -30.77 -14.49 22.10
CA ALA A 175 -30.48 -15.58 21.16
C ALA A 175 -29.08 -15.51 20.58
N ARG A 176 -28.07 -15.47 21.46
CA ARG A 176 -26.67 -15.45 21.03
C ARG A 176 -25.73 -15.75 22.18
N PHE A 177 -24.48 -16.09 21.84
CA PHE A 177 -23.45 -16.29 22.85
C PHE A 177 -22.85 -14.95 23.25
N LEU A 178 -22.66 -14.76 24.56
CA LEU A 178 -22.20 -13.49 25.08
C LEU A 178 -20.68 -13.38 25.17
N ALA A 179 -20.16 -12.25 24.70
CA ALA A 179 -18.75 -11.93 24.92
C ALA A 179 -18.59 -11.45 26.36
N ASP A 180 -17.36 -11.47 26.86
CA ASP A 180 -17.08 -11.06 28.24
C ASP A 180 -17.54 -9.62 28.49
N ARG A 181 -17.46 -8.80 27.45
CA ARG A 181 -17.90 -7.41 27.51
C ARG A 181 -19.34 -7.26 28.03
N PHE A 182 -20.20 -8.17 27.59
CA PHE A 182 -21.64 -8.04 27.81
C PHE A 182 -22.15 -8.87 28.97
N VAL A 183 -21.24 -9.35 29.82
CA VAL A 183 -21.63 -10.19 30.95
C VAL A 183 -21.28 -9.57 32.30
N GLU A 184 -22.25 -9.54 33.20
CA GLU A 184 -22.03 -9.14 34.58
C GLU A 184 -22.33 -10.32 35.50
N GLY A 185 -21.89 -10.24 36.75
CA GLY A 185 -22.16 -11.30 37.70
C GLY A 185 -21.47 -11.12 39.04
N VAL A 186 -21.68 -12.08 39.93
CA VAL A 186 -21.05 -12.08 41.24
C VAL A 186 -19.71 -12.80 41.19
N CYS A 187 -18.68 -12.16 41.72
CA CYS A 187 -17.35 -12.77 41.76
C CYS A 187 -17.31 -13.97 42.70
N PRO A 188 -16.88 -15.13 42.18
CA PRO A 188 -16.80 -16.36 42.97
C PRO A 188 -15.56 -16.40 43.87
N PHE A 189 -14.84 -15.29 43.95
CA PHE A 189 -13.64 -15.22 44.77
C PHE A 189 -13.79 -14.23 45.93
N CYS A 190 -14.55 -13.16 45.73
CA CYS A 190 -14.70 -12.15 46.77
C CYS A 190 -16.15 -11.70 46.96
N GLY A 191 -17.05 -12.15 46.10
CA GLY A 191 -18.46 -11.84 46.23
C GLY A 191 -18.90 -10.50 45.67
N TYR A 192 -17.98 -9.80 45.01
CA TYR A 192 -18.31 -8.53 44.36
C TYR A 192 -19.45 -8.73 43.37
N GLU A 193 -20.46 -7.88 43.45
CA GLU A 193 -21.71 -8.10 42.75
C GLU A 193 -21.73 -7.58 41.32
N GLU A 194 -20.70 -6.84 40.94
CA GLU A 194 -20.64 -6.28 39.59
C GLU A 194 -19.35 -6.67 38.87
N ALA A 195 -18.98 -7.94 39.00
CA ALA A 195 -17.80 -8.46 38.31
C ALA A 195 -18.08 -8.61 36.81
N ARG A 196 -17.06 -8.37 36.00
CA ARG A 196 -17.18 -8.56 34.56
C ARG A 196 -16.88 -10.02 34.20
N GLY A 197 -17.09 -10.36 32.94
CA GLY A 197 -16.83 -11.71 32.47
C GLY A 197 -15.34 -12.01 32.38
N ASP A 198 -14.52 -10.97 32.24
CA ASP A 198 -13.09 -11.14 32.05
C ASP A 198 -12.30 -10.95 33.34
N GLN A 199 -12.81 -10.11 34.23
CA GLN A 199 -12.06 -9.74 35.44
C GLN A 199 -12.98 -9.13 36.50
N CYS A 200 -12.66 -9.38 37.76
CA CYS A 200 -13.32 -8.70 38.86
C CYS A 200 -12.46 -7.51 39.30
N ASP A 201 -12.98 -6.30 39.12
CA ASP A 201 -12.22 -5.09 39.41
C ASP A 201 -12.02 -4.86 40.91
N LYS A 202 -12.72 -5.63 41.73
CA LYS A 202 -12.64 -5.46 43.17
C LYS A 202 -11.45 -6.22 43.78
N CYS A 203 -11.34 -7.50 43.45
CA CYS A 203 -10.24 -8.31 43.98
C CYS A 203 -9.15 -8.52 42.94
N GLY A 204 -9.42 -8.10 41.70
CA GLY A 204 -8.41 -8.11 40.66
C GLY A 204 -8.32 -9.40 39.86
N LYS A 205 -8.95 -10.45 40.35
CA LYS A 205 -8.82 -11.78 39.76
C LYS A 205 -9.26 -11.85 38.30
N LEU A 206 -8.38 -12.35 37.44
CA LEU A 206 -8.74 -12.67 36.06
C LEU A 206 -9.50 -13.97 36.03
N ILE A 207 -10.73 -13.93 35.52
CA ILE A 207 -11.61 -15.09 35.56
C ILE A 207 -12.13 -15.46 34.18
N ASN A 208 -12.78 -16.61 34.11
CA ASN A 208 -13.59 -16.98 32.96
C ASN A 208 -15.04 -16.66 33.28
N ALA A 209 -15.73 -16.03 32.33
CA ALA A 209 -17.11 -15.59 32.52
C ALA A 209 -18.03 -16.72 32.98
N VAL A 210 -17.67 -17.94 32.59
CA VAL A 210 -18.46 -19.12 32.93
C VAL A 210 -18.42 -19.42 34.44
N GLU A 211 -17.50 -18.80 35.15
CA GLU A 211 -17.34 -19.05 36.58
C GLU A 211 -18.12 -18.07 37.45
N LEU A 212 -18.75 -17.10 36.81
CA LEU A 212 -19.51 -16.08 37.54
C LEU A 212 -20.73 -16.67 38.24
N LYS A 213 -21.05 -16.13 39.41
CA LYS A 213 -22.27 -16.49 40.11
C LYS A 213 -23.38 -15.51 39.74
N LYS A 214 -24.58 -16.04 39.54
CA LYS A 214 -25.73 -15.25 39.09
C LYS A 214 -25.39 -14.35 37.90
N PRO A 215 -24.97 -14.96 36.78
CA PRO A 215 -24.57 -14.17 35.62
C PRO A 215 -25.75 -13.42 35.01
N GLN A 216 -25.49 -12.23 34.49
CA GLN A 216 -26.54 -11.42 33.89
C GLN A 216 -26.07 -10.80 32.58
N CYS A 217 -26.95 -10.79 31.58
CA CYS A 217 -26.65 -10.16 30.31
C CYS A 217 -26.81 -8.65 30.43
N LYS A 218 -25.79 -7.90 30.01
CA LYS A 218 -25.80 -6.45 30.15
C LYS A 218 -26.91 -5.80 29.31
N VAL A 219 -27.33 -6.48 28.26
CA VAL A 219 -28.29 -5.91 27.32
C VAL A 219 -29.74 -6.03 27.77
N CYS A 220 -30.22 -7.26 27.94
CA CYS A 220 -31.62 -7.49 28.26
C CYS A 220 -31.85 -7.82 29.73
N ARG A 221 -30.76 -7.94 30.47
CA ARG A 221 -30.77 -8.17 31.93
C ARG A 221 -31.30 -9.55 32.33
N SER A 222 -31.44 -10.46 31.37
CA SER A 222 -31.87 -11.81 31.70
C SER A 222 -30.70 -12.65 32.22
N CYS A 223 -30.95 -13.93 32.43
CA CYS A 223 -29.94 -14.84 32.97
C CYS A 223 -29.40 -15.80 31.91
N PRO A 224 -28.14 -15.58 31.49
CA PRO A 224 -27.48 -16.44 30.51
C PRO A 224 -27.26 -17.85 31.05
N VAL A 225 -27.18 -18.84 30.17
CA VAL A 225 -26.94 -20.21 30.58
C VAL A 225 -25.71 -20.76 29.88
N VAL A 226 -25.01 -21.67 30.56
CA VAL A 226 -23.82 -22.28 29.98
C VAL A 226 -24.21 -23.38 29.00
N GLN A 227 -23.90 -23.17 27.73
CA GLN A 227 -24.11 -24.19 26.72
C GLN A 227 -22.77 -24.59 26.09
N SER A 228 -22.64 -25.86 25.74
CA SER A 228 -21.47 -26.37 25.06
C SER A 228 -21.67 -26.26 23.54
N SER A 229 -20.74 -25.61 22.84
CA SER A 229 -20.83 -25.46 21.39
C SER A 229 -19.59 -26.03 20.69
N GLN A 230 -19.77 -26.58 19.50
CA GLN A 230 -18.70 -27.25 18.76
C GLN A 230 -17.84 -26.28 17.93
N HIS A 231 -16.52 -26.39 18.07
CA HIS A 231 -15.64 -25.49 17.32
C HIS A 231 -14.49 -26.21 16.62
N LEU A 232 -14.04 -25.64 15.52
CA LEU A 232 -12.89 -26.18 14.80
C LEU A 232 -11.64 -25.36 15.08
N PHE A 233 -10.50 -26.02 15.09
CA PHE A 233 -9.23 -25.37 15.40
C PHE A 233 -8.17 -25.74 14.36
N LEU A 234 -7.35 -24.76 13.98
CA LEU A 234 -6.23 -25.02 13.10
C LEU A 234 -5.04 -25.45 13.94
N ASP A 235 -4.48 -26.62 13.64
CA ASP A 235 -3.42 -27.20 14.45
C ASP A 235 -2.06 -26.63 14.08
N LEU A 236 -1.83 -25.38 14.47
CA LEU A 236 -0.57 -24.68 14.20
C LEU A 236 0.69 -25.37 14.73
N PRO A 237 0.65 -25.96 15.93
CA PRO A 237 1.85 -26.67 16.39
C PRO A 237 2.36 -27.75 15.43
N LYS A 238 1.45 -28.50 14.81
CA LYS A 238 1.84 -29.54 13.86
C LYS A 238 2.39 -28.95 12.57
N LEU A 239 2.06 -27.69 12.29
CA LEU A 239 2.48 -27.05 11.05
C LEU A 239 3.71 -26.17 11.25
N GLU A 240 4.14 -26.04 12.49
CA GLU A 240 5.27 -25.16 12.84
C GLU A 240 6.56 -25.58 12.15
N LYS A 241 6.73 -26.88 11.95
CA LYS A 241 7.94 -27.42 11.33
C LYS A 241 8.09 -26.99 9.87
N ARG A 242 7.05 -27.23 9.08
CA ARG A 242 7.10 -26.93 7.65
C ARG A 242 7.05 -25.43 7.40
N LEU A 243 6.52 -24.68 8.37
CA LEU A 243 6.45 -23.23 8.25
C LEU A 243 7.84 -22.63 8.43
N GLU A 244 8.55 -23.08 9.46
CA GLU A 244 9.89 -22.57 9.73
C GLU A 244 10.90 -23.02 8.66
N GLU A 245 10.63 -24.15 8.04
CA GLU A 245 11.43 -24.60 6.90
C GLU A 245 11.33 -23.58 5.77
N TRP A 246 10.11 -23.13 5.51
CA TRP A 246 9.86 -22.15 4.46
C TRP A 246 10.47 -20.79 4.78
N LEU A 247 10.33 -20.36 6.03
CA LEU A 247 10.90 -19.08 6.47
C LEU A 247 12.42 -19.07 6.42
N GLY A 248 13.04 -20.14 6.90
CA GLY A 248 14.48 -20.25 6.88
C GLY A 248 15.02 -20.24 5.46
N ARG A 249 14.16 -20.63 4.53
CA ARG A 249 14.54 -20.72 3.12
C ARG A 249 14.31 -19.43 2.35
N THR A 250 13.39 -18.59 2.82
CA THR A 250 12.96 -17.43 2.05
C THR A 250 13.27 -16.08 2.71
N LEU A 251 13.40 -16.06 4.03
CA LEU A 251 13.76 -14.83 4.74
C LEU A 251 15.14 -14.27 4.37
N PRO A 252 16.20 -15.11 4.39
CA PRO A 252 17.52 -14.50 4.14
C PRO A 252 17.70 -13.97 2.72
N GLY A 253 18.23 -12.76 2.61
CA GLY A 253 18.47 -12.15 1.32
C GLY A 253 17.21 -11.51 0.74
N SER A 254 16.09 -11.65 1.44
CA SER A 254 14.83 -11.09 0.98
C SER A 254 14.72 -9.62 1.34
N ASP A 255 13.59 -9.01 0.98
CA ASP A 255 13.35 -7.62 1.29
C ASP A 255 12.17 -7.47 2.24
N TRP A 256 11.90 -8.51 3.01
CA TRP A 256 11.04 -8.41 4.19
C TRP A 256 11.54 -7.26 5.04
N THR A 257 10.65 -6.34 5.42
CA THR A 257 11.03 -5.26 6.30
C THR A 257 11.45 -5.83 7.65
N PRO A 258 12.45 -5.21 8.29
CA PRO A 258 12.98 -5.69 9.59
C PRO A 258 11.91 -5.88 10.66
N ASN A 259 10.93 -4.98 10.75
CA ASN A 259 9.91 -5.10 11.77
C ASN A 259 9.07 -6.36 11.57
N ALA A 260 8.77 -6.69 10.32
CA ALA A 260 8.03 -7.89 10.00
C ALA A 260 8.80 -9.15 10.35
N GLN A 261 10.12 -9.11 10.12
CA GLN A 261 10.97 -10.25 10.42
C GLN A 261 11.07 -10.51 11.92
N PHE A 262 11.23 -9.44 12.70
CA PHE A 262 11.29 -9.55 14.16
C PHE A 262 9.98 -10.07 14.72
N ILE A 263 8.87 -9.51 14.26
CA ILE A 263 7.55 -9.91 14.74
C ILE A 263 7.30 -11.39 14.49
N THR A 264 7.64 -11.84 13.28
CA THR A 264 7.47 -13.24 12.91
C THR A 264 8.31 -14.16 13.80
N ARG A 265 9.58 -13.83 13.97
CA ARG A 265 10.48 -14.64 14.77
C ARG A 265 10.07 -14.65 16.24
N SER A 266 9.56 -13.52 16.72
CA SER A 266 9.16 -13.40 18.13
C SER A 266 7.94 -14.26 18.45
N TRP A 267 7.03 -14.39 17.49
CA TRP A 267 5.87 -15.27 17.65
C TRP A 267 6.29 -16.73 17.73
N LEU A 268 7.28 -17.09 16.91
CA LEU A 268 7.77 -18.47 16.86
C LEU A 268 8.55 -18.86 18.11
N ARG A 269 9.20 -17.87 18.72
CA ARG A 269 9.94 -18.10 19.96
C ARG A 269 8.99 -18.55 21.07
N ASP A 270 7.85 -17.88 21.16
CA ASP A 270 6.84 -18.24 22.16
C ASP A 270 6.23 -19.60 21.87
N GLY A 271 6.21 -19.97 20.59
CA GLY A 271 5.60 -21.21 20.16
C GLY A 271 4.15 -21.02 19.79
N LEU A 272 3.75 -21.55 18.64
CA LEU A 272 2.38 -21.41 18.18
C LEU A 272 1.45 -22.40 18.89
N LYS A 273 0.17 -22.02 18.97
CA LYS A 273 -0.85 -22.86 19.61
C LYS A 273 -2.02 -23.03 18.65
N PRO A 274 -2.86 -24.06 18.88
CA PRO A 274 -4.06 -24.24 18.05
C PRO A 274 -5.01 -23.05 18.17
N ARG A 275 -5.50 -22.56 17.04
CA ARG A 275 -6.38 -21.38 17.04
C ARG A 275 -7.77 -21.71 16.49
N CYS A 276 -8.79 -21.23 17.17
CA CYS A 276 -10.17 -21.43 16.74
C CYS A 276 -10.45 -20.73 15.41
N ILE A 277 -11.01 -21.47 14.46
CA ILE A 277 -11.30 -20.92 13.14
C ILE A 277 -12.80 -20.90 12.83
N THR A 278 -13.62 -21.01 13.87
CA THR A 278 -15.07 -20.96 13.70
C THR A 278 -15.70 -19.96 14.67
N ARG A 279 -16.86 -19.42 14.27
CA ARG A 279 -17.57 -18.45 15.08
C ARG A 279 -19.08 -18.68 15.04
N ASP A 280 -19.75 -18.33 16.13
CA ASP A 280 -21.21 -18.45 16.19
C ASP A 280 -21.87 -17.21 15.62
N LEU A 281 -21.72 -17.01 14.31
CA LEU A 281 -22.30 -15.85 13.63
C LEU A 281 -23.19 -16.29 12.47
N LYS A 282 -23.86 -15.33 11.86
CA LYS A 282 -24.62 -15.60 10.65
C LYS A 282 -23.87 -15.04 9.44
N TRP A 283 -23.23 -13.90 9.63
CA TRP A 283 -22.53 -13.21 8.56
C TRP A 283 -21.09 -13.69 8.41
N GLY A 284 -20.90 -14.73 7.59
CA GLY A 284 -19.59 -15.28 7.34
C GLY A 284 -19.63 -16.44 6.37
N THR A 285 -18.47 -17.01 6.07
CA THR A 285 -18.38 -18.16 5.18
C THR A 285 -18.83 -19.43 5.89
N PRO A 286 -19.81 -20.13 5.31
CA PRO A 286 -20.38 -21.35 5.92
C PRO A 286 -19.37 -22.49 6.02
N VAL A 287 -19.46 -23.28 7.08
CA VAL A 287 -18.59 -24.43 7.27
C VAL A 287 -19.27 -25.71 6.80
N PRO A 288 -18.63 -26.43 5.87
CA PRO A 288 -19.20 -27.66 5.31
C PRO A 288 -19.01 -28.86 6.23
N LEU A 289 -19.64 -28.81 7.41
CA LEU A 289 -19.57 -29.92 8.35
C LEU A 289 -20.87 -30.04 9.14
N GLU A 290 -21.18 -31.25 9.59
CA GLU A 290 -22.45 -31.52 10.26
C GLU A 290 -22.47 -30.94 11.67
N GLY A 291 -23.44 -30.07 11.93
CA GLY A 291 -23.57 -29.42 13.23
C GLY A 291 -23.01 -28.01 13.20
N PHE A 292 -22.60 -27.57 12.01
CA PHE A 292 -22.03 -26.23 11.84
C PHE A 292 -22.91 -25.38 10.94
N GLU A 293 -24.22 -25.63 10.98
CA GLU A 293 -25.16 -24.94 10.12
C GLU A 293 -25.39 -23.51 10.60
N ASP A 294 -25.16 -23.27 11.89
CA ASP A 294 -25.32 -21.94 12.46
C ASP A 294 -23.97 -21.35 12.86
N LYS A 295 -22.91 -21.88 12.27
CA LYS A 295 -21.56 -21.38 12.50
C LYS A 295 -20.90 -21.00 11.18
N VAL A 296 -19.99 -20.02 11.25
CA VAL A 296 -19.25 -19.60 10.08
C VAL A 296 -17.76 -19.64 10.38
N PHE A 297 -16.93 -19.51 9.35
CA PHE A 297 -15.49 -19.44 9.55
C PHE A 297 -15.11 -18.12 10.20
N TYR A 298 -14.25 -18.21 11.21
CA TYR A 298 -13.68 -17.02 11.86
C TYR A 298 -12.89 -16.23 10.82
N VAL A 299 -13.10 -14.92 10.79
CA VAL A 299 -12.42 -14.07 9.81
C VAL A 299 -10.91 -14.05 10.08
N TRP A 300 -10.52 -14.46 11.28
CA TRP A 300 -9.11 -14.68 11.60
C TRP A 300 -8.46 -15.62 10.60
N PHE A 301 -9.24 -16.59 10.14
CA PHE A 301 -8.75 -17.66 9.27
C PHE A 301 -8.93 -17.39 7.78
N ASP A 302 -10.09 -16.88 7.39
CA ASP A 302 -10.43 -16.83 5.97
C ASP A 302 -10.32 -15.44 5.32
N ALA A 303 -9.97 -14.42 6.10
CA ALA A 303 -9.81 -13.08 5.53
C ALA A 303 -8.64 -13.03 4.56
N THR A 304 -7.58 -13.78 4.87
CA THR A 304 -6.39 -13.81 4.02
C THR A 304 -6.62 -14.61 2.75
N ILE A 305 -7.63 -15.48 2.77
CA ILE A 305 -7.98 -16.25 1.59
C ILE A 305 -8.66 -15.31 0.57
N GLY A 306 -9.13 -14.17 1.08
CA GLY A 306 -9.73 -13.13 0.25
C GLY A 306 -8.90 -12.74 -0.96
N TYR A 307 -7.58 -12.70 -0.79
CA TYR A 307 -6.67 -12.40 -1.89
C TYR A 307 -6.90 -13.36 -3.07
N LEU A 308 -7.18 -14.62 -2.75
CA LEU A 308 -7.35 -15.65 -3.76
C LEU A 308 -8.71 -15.53 -4.46
N SER A 309 -9.77 -15.34 -3.67
CA SER A 309 -11.11 -15.25 -4.22
C SER A 309 -11.32 -13.98 -5.03
N ILE A 310 -10.66 -12.90 -4.62
CA ILE A 310 -10.71 -11.65 -5.37
C ILE A 310 -10.08 -11.84 -6.75
N THR A 311 -8.98 -12.57 -6.80
CA THR A 311 -8.31 -12.88 -8.06
C THR A 311 -9.18 -13.83 -8.89
N ALA A 312 -9.88 -14.72 -8.20
CA ALA A 312 -10.73 -15.71 -8.86
C ALA A 312 -11.91 -15.04 -9.58
N ASN A 313 -12.43 -13.97 -9.00
CA ASN A 313 -13.52 -13.22 -9.61
C ASN A 313 -13.04 -12.39 -10.79
N TYR A 314 -11.72 -12.21 -10.87
CA TYR A 314 -11.07 -11.44 -11.92
C TYR A 314 -10.74 -12.33 -13.12
N THR A 315 -10.31 -13.54 -12.84
CA THR A 315 -10.00 -14.52 -13.88
C THR A 315 -10.09 -15.93 -13.34
N ASP A 316 -10.63 -16.85 -14.15
CA ASP A 316 -10.72 -18.24 -13.74
C ASP A 316 -9.35 -18.91 -13.83
N GLN A 317 -8.38 -18.18 -14.39
CA GLN A 317 -6.99 -18.63 -14.42
C GLN A 317 -6.23 -18.11 -13.20
N TRP A 318 -6.94 -17.92 -12.10
CA TRP A 318 -6.34 -17.32 -10.91
C TRP A 318 -5.26 -18.20 -10.27
N GLU A 319 -5.34 -19.50 -10.51
CA GLU A 319 -4.38 -20.44 -9.95
C GLU A 319 -3.01 -20.30 -10.60
N ARG A 320 -2.96 -19.67 -11.77
CA ARG A 320 -1.69 -19.41 -12.43
C ARG A 320 -0.90 -18.34 -11.68
N TRP A 321 -1.59 -17.61 -10.82
CA TRP A 321 -0.94 -16.62 -9.95
C TRP A 321 -0.67 -17.20 -8.56
N TRP A 322 -1.69 -17.84 -7.99
CA TRP A 322 -1.66 -18.21 -6.58
C TRP A 322 -1.25 -19.65 -6.30
N LYS A 323 -1.05 -20.43 -7.36
CA LYS A 323 -0.52 -21.78 -7.21
C LYS A 323 0.61 -21.97 -8.20
N ASN A 324 1.56 -21.04 -8.18
CA ASN A 324 2.66 -21.02 -9.15
C ASN A 324 3.90 -20.31 -8.59
N PRO A 325 4.49 -20.86 -7.52
CA PRO A 325 5.58 -20.17 -6.82
C PRO A 325 6.88 -20.02 -7.61
N GLU A 326 7.14 -20.94 -8.55
CA GLU A 326 8.38 -20.89 -9.31
C GLU A 326 8.37 -19.75 -10.34
N GLN A 327 7.19 -19.24 -10.65
CA GLN A 327 7.05 -18.18 -11.65
C GLN A 327 6.71 -16.83 -11.04
N VAL A 328 6.08 -16.85 -9.87
CA VAL A 328 5.50 -15.65 -9.30
C VAL A 328 6.22 -15.14 -8.05
N ASP A 329 6.54 -13.85 -8.05
CA ASP A 329 7.11 -13.19 -6.88
C ASP A 329 6.03 -12.35 -6.19
N LEU A 330 5.59 -12.81 -5.02
CA LEU A 330 4.51 -12.14 -4.30
C LEU A 330 5.03 -11.07 -3.34
N TYR A 331 4.51 -9.86 -3.49
CA TYR A 331 4.77 -8.77 -2.57
C TYR A 331 3.51 -8.46 -1.79
N GLN A 332 3.62 -8.36 -0.46
CA GLN A 332 2.47 -8.05 0.36
C GLN A 332 2.71 -6.81 1.23
N PHE A 333 1.92 -5.78 0.98
CA PHE A 333 2.03 -4.52 1.72
C PHE A 333 0.98 -4.45 2.83
N MET A 334 1.38 -3.94 3.98
CA MET A 334 0.48 -3.82 5.13
C MET A 334 1.09 -2.98 6.24
N ALA A 335 0.29 -2.69 7.26
CA ALA A 335 0.81 -2.16 8.51
C ALA A 335 1.22 -3.34 9.38
N LYS A 336 2.07 -3.09 10.37
CA LYS A 336 2.70 -4.18 11.12
C LYS A 336 1.73 -5.06 11.91
N ASP A 337 0.52 -4.55 12.18
CA ASP A 337 -0.48 -5.33 12.90
C ASP A 337 -0.94 -6.55 12.11
N ASN A 338 -0.88 -6.44 10.79
CA ASN A 338 -1.36 -7.52 9.91
C ASN A 338 -0.30 -8.59 9.65
N VAL A 339 0.93 -8.33 10.09
CA VAL A 339 2.06 -9.24 9.82
C VAL A 339 1.83 -10.70 10.22
N PRO A 340 1.31 -10.96 11.44
CA PRO A 340 1.15 -12.37 11.82
C PRO A 340 0.22 -13.17 10.89
N PHE A 341 -0.79 -12.53 10.35
CA PHE A 341 -1.73 -13.22 9.47
C PHE A 341 -1.08 -13.56 8.13
N HIS A 342 -0.05 -12.80 7.76
CA HIS A 342 0.60 -12.98 6.46
C HIS A 342 1.88 -13.79 6.55
N SER A 343 2.49 -13.82 7.73
CA SER A 343 3.74 -14.54 7.91
C SER A 343 3.55 -15.89 8.60
N LEU A 344 2.42 -16.04 9.28
CA LEU A 344 2.14 -17.28 10.02
C LEU A 344 0.87 -17.97 9.55
N VAL A 345 -0.27 -17.28 9.70
CA VAL A 345 -1.57 -17.91 9.52
C VAL A 345 -1.80 -18.48 8.12
N PHE A 346 -1.75 -17.63 7.09
CA PHE A 346 -1.95 -18.12 5.73
C PHE A 346 -0.85 -19.06 5.24
N PRO A 347 0.44 -18.75 5.53
CA PRO A 347 1.45 -19.73 5.14
C PRO A 347 1.22 -21.12 5.74
N CYS A 348 0.85 -21.18 7.01
CA CYS A 348 0.54 -22.45 7.65
C CYS A 348 -0.64 -23.15 6.99
N SER A 349 -1.67 -22.37 6.68
CA SER A 349 -2.86 -22.91 6.02
C SER A 349 -2.52 -23.43 4.63
N ALA A 350 -1.72 -22.66 3.89
CA ALA A 350 -1.34 -23.02 2.53
C ALA A 350 -0.38 -24.21 2.49
N LEU A 351 0.60 -24.19 3.39
CA LEU A 351 1.59 -25.27 3.45
C LEU A 351 0.95 -26.56 3.94
N GLY A 352 -0.07 -26.43 4.78
CA GLY A 352 -0.79 -27.59 5.29
C GLY A 352 -1.74 -28.17 4.25
N ALA A 353 -2.11 -27.33 3.29
CA ALA A 353 -3.03 -27.75 2.23
C ALA A 353 -2.29 -28.56 1.17
N GLU A 354 -0.99 -28.30 1.03
CA GLU A 354 -0.14 -28.97 0.06
C GLU A 354 -0.74 -28.91 -1.34
N ASP A 355 -0.90 -27.69 -1.85
CA ASP A 355 -1.53 -27.48 -3.14
C ASP A 355 -0.64 -26.58 -4.01
N ASN A 356 0.66 -26.59 -3.70
CA ASN A 356 1.66 -25.82 -4.44
C ASN A 356 1.33 -24.33 -4.49
N TYR A 357 1.00 -23.76 -3.33
CA TYR A 357 0.59 -22.36 -3.25
C TYR A 357 1.75 -21.38 -3.38
N THR A 358 1.46 -20.24 -3.99
CA THR A 358 2.40 -19.12 -4.04
C THR A 358 2.41 -18.42 -2.68
N LEU A 359 3.54 -18.49 -1.99
CA LEU A 359 3.67 -17.80 -0.71
C LEU A 359 4.44 -16.49 -0.89
N VAL A 360 4.28 -15.59 0.06
CA VAL A 360 4.89 -14.26 -0.02
C VAL A 360 6.42 -14.35 -0.09
N SER A 361 7.00 -13.57 -0.99
CA SER A 361 8.45 -13.50 -1.13
C SER A 361 9.00 -12.30 -0.38
N HIS A 362 8.23 -11.21 -0.37
CA HIS A 362 8.66 -9.99 0.30
C HIS A 362 7.49 -9.33 1.05
N LEU A 363 7.53 -9.43 2.38
CA LEU A 363 6.53 -8.79 3.22
C LEU A 363 6.95 -7.38 3.56
N ILE A 364 6.18 -6.40 3.09
CA ILE A 364 6.50 -5.00 3.31
C ILE A 364 5.56 -4.39 4.35
N ALA A 365 6.06 -4.27 5.58
CA ALA A 365 5.27 -3.74 6.67
C ALA A 365 5.78 -2.39 7.14
N THR A 366 4.87 -1.43 7.24
CA THR A 366 5.22 -0.10 7.72
C THR A 366 4.91 0.05 9.20
N GLU A 367 5.52 1.04 9.84
CA GLU A 367 5.10 1.45 11.18
C GLU A 367 3.84 2.31 11.04
N TYR A 368 3.46 3.00 12.11
CA TYR A 368 2.24 3.80 12.08
C TYR A 368 2.46 5.24 11.63
N LEU A 369 1.47 5.78 10.92
CA LEU A 369 1.39 7.21 10.72
C LEU A 369 0.47 7.82 11.76
N ASN A 370 1.03 8.66 12.62
CA ASN A 370 0.22 9.36 13.61
C ASN A 370 -0.21 10.73 13.09
N TYR A 371 -1.26 11.29 13.70
CA TYR A 371 -1.72 12.61 13.30
C TYR A 371 -1.32 13.67 14.32
N GLU A 372 -0.46 14.60 13.88
CA GLU A 372 0.11 15.62 14.75
C GLU A 372 0.75 14.98 15.99
N ASP A 373 0.21 15.29 17.17
CA ASP A 373 0.79 14.76 18.40
C ASP A 373 -0.03 13.62 18.99
N GLY A 374 -0.74 12.89 18.13
CA GLY A 374 -1.58 11.79 18.60
C GLY A 374 -2.13 10.89 17.51
N LYS A 375 -3.31 10.34 17.76
CA LYS A 375 -3.92 9.35 16.88
C LYS A 375 -5.06 9.92 16.06
N PHE A 376 -5.31 9.31 14.90
CA PHE A 376 -6.54 9.56 14.16
C PHE A 376 -7.72 9.07 15.00
N SER A 377 -8.82 9.80 14.98
CA SER A 377 -9.99 9.42 15.77
C SER A 377 -11.28 9.95 15.17
N LYS A 378 -12.12 9.02 14.71
CA LYS A 378 -13.41 9.39 14.13
C LYS A 378 -14.33 9.96 15.20
N SER A 379 -14.34 9.32 16.36
CA SER A 379 -15.22 9.71 17.46
C SER A 379 -14.91 11.10 17.99
N ARG A 380 -13.63 11.44 18.06
CA ARG A 380 -13.21 12.74 18.58
C ARG A 380 -13.05 13.77 17.46
N GLY A 381 -13.22 13.33 16.22
CA GLY A 381 -13.10 14.22 15.08
C GLY A 381 -11.70 14.74 14.87
N VAL A 382 -10.72 13.86 15.04
CA VAL A 382 -9.32 14.23 14.89
C VAL A 382 -8.67 13.55 13.70
N GLY A 383 -8.07 14.35 12.81
CA GLY A 383 -7.32 13.81 11.69
C GLY A 383 -8.05 13.88 10.36
N VAL A 384 -7.29 13.73 9.28
CA VAL A 384 -7.86 13.74 7.93
C VAL A 384 -8.24 12.33 7.49
N PHE A 385 -9.50 12.13 7.16
CA PHE A 385 -9.96 10.85 6.66
C PHE A 385 -10.10 10.91 5.15
N GLY A 386 -10.09 9.74 4.51
CA GLY A 386 -10.04 9.63 3.06
C GLY A 386 -11.11 10.40 2.31
N ASP A 387 -12.29 10.54 2.91
CA ASP A 387 -13.39 11.21 2.24
C ASP A 387 -13.38 12.73 2.43
N MET A 388 -12.51 13.22 3.31
CA MET A 388 -12.38 14.64 3.62
CA MET A 388 -12.45 14.66 3.54
C MET A 388 -11.31 15.30 2.77
N ALA A 389 -10.40 14.50 2.25
CA ALA A 389 -9.24 15.01 1.50
C ALA A 389 -9.64 15.77 0.25
N GLN A 390 -10.69 15.30 -0.42
CA GLN A 390 -11.17 15.91 -1.65
C GLN A 390 -11.70 17.32 -1.42
N ASP A 391 -12.12 17.59 -0.19
CA ASP A 391 -12.81 18.83 0.14
C ASP A 391 -11.88 19.95 0.60
N THR A 392 -10.58 19.68 0.60
CA THR A 392 -9.61 20.63 1.14
C THR A 392 -9.07 21.61 0.09
N GLY A 393 -9.27 21.30 -1.18
CA GLY A 393 -8.73 22.13 -2.25
C GLY A 393 -7.30 21.75 -2.59
N ILE A 394 -6.75 20.82 -1.82
CA ILE A 394 -5.42 20.29 -2.08
C ILE A 394 -5.51 19.00 -2.89
N PRO A 395 -4.96 19.00 -4.10
CA PRO A 395 -5.07 17.87 -5.04
C PRO A 395 -4.38 16.60 -4.54
N ALA A 396 -4.77 15.47 -5.12
CA ALA A 396 -4.35 14.14 -4.64
C ALA A 396 -2.83 13.94 -4.65
N ASP A 397 -2.16 14.41 -5.69
CA ASP A 397 -0.72 14.20 -5.83
C ASP A 397 0.08 14.89 -4.74
N ILE A 398 -0.44 16.02 -4.24
CA ILE A 398 0.20 16.72 -3.14
C ILE A 398 0.11 15.88 -1.87
N TRP A 399 -1.06 15.29 -1.63
CA TRP A 399 -1.23 14.36 -0.52
C TRP A 399 -0.29 13.17 -0.69
N ARG A 400 -0.23 12.63 -1.91
CA ARG A 400 0.62 11.49 -2.21
C ARG A 400 2.09 11.80 -1.93
N PHE A 401 2.55 12.94 -2.44
CA PHE A 401 3.94 13.34 -2.26
C PHE A 401 4.34 13.40 -0.79
N TYR A 402 3.56 14.13 0.00
CA TYR A 402 3.90 14.35 1.40
C TYR A 402 3.88 13.05 2.21
N LEU A 403 2.83 12.26 2.02
CA LEU A 403 2.68 11.00 2.74
C LEU A 403 3.82 10.04 2.42
N LEU A 404 4.23 10.03 1.15
CA LEU A 404 5.32 9.16 0.73
C LEU A 404 6.66 9.72 1.15
N TYR A 405 6.74 11.05 1.25
CA TYR A 405 7.95 11.71 1.73
C TYR A 405 8.23 11.36 3.18
N ILE A 406 7.17 11.23 3.97
CA ILE A 406 7.30 10.88 5.38
C ILE A 406 6.79 9.47 5.70
N ARG A 407 6.84 8.60 4.70
CA ARG A 407 6.39 7.22 4.86
C ARG A 407 7.10 6.54 6.05
N PRO A 408 6.31 6.05 7.02
CA PRO A 408 6.84 5.45 8.26
C PRO A 408 7.46 4.08 8.03
N GLU A 409 8.76 4.04 7.73
CA GLU A 409 9.42 2.80 7.37
C GLU A 409 10.17 2.16 8.54
N GLY A 410 11.09 2.91 9.14
CA GLY A 410 11.86 2.38 10.25
C GLY A 410 11.22 2.70 11.60
N GLN A 411 10.51 3.81 11.65
CA GLN A 411 9.87 4.26 12.87
C GLN A 411 8.54 4.94 12.56
N ASP A 412 7.78 5.26 13.60
CA ASP A 412 6.52 5.99 13.42
C ASP A 412 6.78 7.38 12.84
N SER A 413 5.85 7.86 12.03
CA SER A 413 5.90 9.22 11.50
C SER A 413 4.68 9.97 11.98
N ALA A 414 4.70 11.29 11.81
CA ALA A 414 3.58 12.12 12.23
C ALA A 414 3.19 13.11 11.14
N PHE A 415 1.92 13.07 10.73
CA PHE A 415 1.41 14.05 9.79
C PHE A 415 1.43 15.43 10.44
N SER A 416 1.99 16.40 9.74
CA SER A 416 2.07 17.77 10.25
C SER A 416 1.69 18.77 9.16
N TRP A 417 0.68 19.59 9.44
CA TRP A 417 0.23 20.60 8.49
C TRP A 417 1.32 21.63 8.20
N THR A 418 2.06 22.00 9.24
CA THR A 418 3.17 22.94 9.09
C THR A 418 4.24 22.34 8.18
N ASP A 419 4.53 21.06 8.38
CA ASP A 419 5.54 20.37 7.60
C ASP A 419 5.08 20.17 6.14
N LEU A 420 3.79 19.93 5.96
CA LEU A 420 3.22 19.78 4.62
C LEU A 420 3.42 21.05 3.80
N LEU A 421 3.13 22.20 4.41
CA LEU A 421 3.32 23.49 3.76
C LEU A 421 4.79 23.70 3.42
N LEU A 422 5.66 23.42 4.39
CA LEU A 422 7.09 23.64 4.22
C LEU A 422 7.68 22.76 3.12
N LYS A 423 7.30 21.49 3.10
CA LYS A 423 7.84 20.57 2.10
C LYS A 423 7.23 20.81 0.72
N ASN A 424 5.99 21.28 0.70
CA ASN A 424 5.36 21.66 -0.58
C ASN A 424 6.10 22.84 -1.21
N ASN A 425 6.34 23.88 -0.44
CA ASN A 425 6.94 25.09 -0.96
C ASN A 425 8.44 24.95 -1.23
N SER A 426 9.12 24.13 -0.44
CA SER A 426 10.57 23.99 -0.58
C SER A 426 10.96 22.94 -1.62
N GLU A 427 10.35 21.77 -1.55
CA GLU A 427 10.73 20.67 -2.43
C GLU A 427 10.00 20.67 -3.77
N LEU A 428 8.72 20.99 -3.75
CA LEU A 428 7.95 20.99 -4.99
C LEU A 428 8.07 22.32 -5.73
N LEU A 429 7.77 23.42 -5.05
CA LEU A 429 7.77 24.72 -5.70
C LEU A 429 9.17 25.23 -6.00
N ASN A 430 10.05 25.21 -4.99
CA ASN A 430 11.37 25.81 -5.13
C ASN A 430 12.46 24.85 -5.63
N ASN A 431 12.12 23.58 -5.83
CA ASN A 431 13.08 22.62 -6.36
C ASN A 431 12.57 21.91 -7.61
N LEU A 432 11.74 20.89 -7.41
CA LEU A 432 11.27 20.04 -8.51
C LEU A 432 10.52 20.85 -9.55
N GLY A 433 9.56 21.66 -9.10
CA GLY A 433 8.77 22.48 -9.99
C GLY A 433 9.61 23.55 -10.67
N ASN A 434 10.50 24.18 -9.91
CA ASN A 434 11.33 25.25 -10.45
C ASN A 434 12.26 24.78 -11.57
N PHE A 435 12.71 23.53 -11.50
CA PHE A 435 13.56 22.99 -12.55
C PHE A 435 12.77 22.68 -13.82
N ILE A 436 11.68 21.93 -13.65
CA ILE A 436 10.89 21.48 -14.79
C ILE A 436 10.19 22.66 -15.47
N ASN A 437 9.73 23.63 -14.68
CA ASN A 437 9.13 24.83 -15.24
C ASN A 437 10.12 25.60 -16.11
N ARG A 438 11.35 25.77 -15.62
CA ARG A 438 12.36 26.52 -16.35
C ARG A 438 12.85 25.79 -17.59
N ALA A 439 12.98 24.46 -17.50
CA ALA A 439 13.41 23.66 -18.63
C ALA A 439 12.43 23.79 -19.79
N GLY A 440 11.14 23.65 -19.49
CA GLY A 440 10.11 23.78 -20.50
C GLY A 440 9.95 25.21 -20.99
N MET A 441 10.08 26.16 -20.08
CA MET A 441 9.97 27.58 -20.42
C MET A 441 11.04 28.00 -21.43
N PHE A 442 12.28 27.60 -21.18
CA PHE A 442 13.40 28.00 -22.05
C PHE A 442 13.25 27.47 -23.47
N VAL A 443 12.76 26.24 -23.60
CA VAL A 443 12.50 25.66 -24.91
C VAL A 443 11.42 26.44 -25.64
N SER A 444 10.33 26.71 -24.94
CA SER A 444 9.17 27.37 -25.52
C SER A 444 9.41 28.84 -25.83
N LYS A 445 10.22 29.50 -25.00
CA LYS A 445 10.42 30.94 -25.12
C LYS A 445 11.52 31.32 -26.12
N PHE A 446 12.61 30.55 -26.14
CA PHE A 446 13.78 30.93 -26.92
C PHE A 446 13.97 30.13 -28.19
N PHE A 447 13.20 29.07 -28.38
CA PHE A 447 13.43 28.17 -29.52
C PHE A 447 12.15 27.73 -30.21
N GLY A 448 11.08 28.52 -30.04
CA GLY A 448 9.82 28.25 -30.71
C GLY A 448 9.20 26.90 -30.38
N GLY A 449 9.59 26.35 -29.23
CA GLY A 449 9.04 25.08 -28.78
C GLY A 449 9.78 23.88 -29.33
N TYR A 450 10.90 24.11 -30.01
CA TYR A 450 11.70 23.03 -30.56
C TYR A 450 12.97 22.83 -29.74
N VAL A 451 13.26 21.58 -29.40
CA VAL A 451 14.47 21.25 -28.63
C VAL A 451 15.71 21.59 -29.44
N PRO A 452 16.57 22.46 -28.88
CA PRO A 452 17.79 22.92 -29.56
C PRO A 452 18.80 21.80 -29.76
N GLU A 453 19.80 22.05 -30.60
CA GLU A 453 20.89 21.10 -30.78
C GLU A 453 21.74 21.07 -29.51
N MET A 454 22.16 19.88 -29.10
CA MET A 454 22.94 19.74 -27.88
C MET A 454 24.37 19.33 -28.18
N VAL A 455 25.29 20.28 -27.98
CA VAL A 455 26.71 20.04 -28.18
C VAL A 455 27.40 19.89 -26.82
N LEU A 456 27.55 18.65 -26.37
CA LEU A 456 27.98 18.37 -25.00
C LEU A 456 29.43 18.77 -24.73
N THR A 457 29.60 19.64 -23.73
CA THR A 457 30.91 20.00 -23.22
C THR A 457 31.33 18.98 -22.15
N PRO A 458 32.59 19.03 -21.67
CA PRO A 458 32.96 18.14 -20.57
C PRO A 458 32.05 18.29 -19.33
N ASP A 459 31.69 19.52 -19.00
CA ASP A 459 30.80 19.77 -17.87
C ASP A 459 29.43 19.15 -18.09
N ASP A 460 28.92 19.25 -19.32
CA ASP A 460 27.64 18.67 -19.67
C ASP A 460 27.65 17.15 -19.50
N GLN A 461 28.76 16.53 -19.90
CA GLN A 461 28.90 15.09 -19.80
C GLN A 461 28.92 14.63 -18.35
N ARG A 462 29.52 15.43 -17.47
CA ARG A 462 29.57 15.12 -16.05
C ARG A 462 28.16 15.07 -15.45
N LEU A 463 27.40 16.13 -15.69
CA LEU A 463 26.02 16.21 -15.23
C LEU A 463 25.20 15.03 -15.73
N LEU A 464 25.33 14.75 -17.02
CA LEU A 464 24.65 13.62 -17.64
C LEU A 464 24.97 12.33 -16.90
N ALA A 465 26.23 12.14 -16.56
CA ALA A 465 26.68 10.93 -15.89
C ALA A 465 26.18 10.88 -14.44
N HIS A 466 26.15 12.05 -13.78
CA HIS A 466 25.61 12.16 -12.43
C HIS A 466 24.12 11.78 -12.38
N VAL A 467 23.38 12.23 -13.39
CA VAL A 467 21.96 11.93 -13.49
C VAL A 467 21.75 10.42 -13.64
N THR A 468 22.57 9.80 -14.48
CA THR A 468 22.50 8.36 -14.71
C THR A 468 22.77 7.58 -13.41
N LEU A 469 23.78 8.02 -12.66
CA LEU A 469 24.14 7.34 -11.42
C LEU A 469 23.05 7.47 -10.36
N GLU A 470 22.41 8.64 -10.30
CA GLU A 470 21.32 8.85 -9.36
C GLU A 470 20.08 8.07 -9.79
N LEU A 471 19.90 7.94 -11.10
CA LEU A 471 18.82 7.12 -11.66
C LEU A 471 19.01 5.67 -11.28
N GLN A 472 20.25 5.20 -11.35
CA GLN A 472 20.58 3.82 -11.00
C GLN A 472 20.42 3.63 -9.49
N HIS A 473 20.63 4.69 -8.73
CA HIS A 473 20.40 4.68 -7.29
C HIS A 473 18.90 4.54 -7.02
N TYR A 474 18.11 5.31 -7.75
CA TYR A 474 16.65 5.24 -7.71
C TYR A 474 16.14 3.83 -7.95
N HIS A 475 16.66 3.18 -8.98
CA HIS A 475 16.27 1.80 -9.29
C HIS A 475 16.70 0.85 -8.18
N GLN A 476 17.94 1.00 -7.75
CA GLN A 476 18.50 0.20 -6.67
C GLN A 476 17.62 0.20 -5.42
N LEU A 477 17.07 1.37 -5.11
CA LEU A 477 16.21 1.53 -3.94
C LEU A 477 14.83 0.93 -4.14
N LEU A 478 14.16 1.30 -5.23
CA LEU A 478 12.79 0.87 -5.45
C LEU A 478 12.69 -0.63 -5.72
N GLU A 479 13.77 -1.22 -6.23
CA GLU A 479 13.81 -2.67 -6.43
C GLU A 479 13.69 -3.39 -5.08
N LYS A 480 14.16 -2.74 -4.03
CA LYS A 480 14.06 -3.29 -2.68
C LYS A 480 12.98 -2.58 -1.88
N VAL A 481 12.05 -1.95 -2.60
CA VAL A 481 10.91 -1.24 -2.01
C VAL A 481 11.34 -0.20 -0.97
N ARG A 482 12.38 0.55 -1.29
CA ARG A 482 12.80 1.67 -0.46
C ARG A 482 12.10 2.94 -0.94
N ILE A 483 10.78 2.99 -0.72
CA ILE A 483 9.92 4.04 -1.24
C ILE A 483 10.36 5.45 -0.84
N ARG A 484 10.54 5.66 0.46
CA ARG A 484 10.91 6.94 1.03
C ARG A 484 12.18 7.53 0.41
N ASP A 485 13.19 6.70 0.25
CA ASP A 485 14.50 7.16 -0.22
C ASP A 485 14.54 7.39 -1.72
N ALA A 486 13.76 6.60 -2.47
CA ALA A 486 13.73 6.73 -3.92
C ALA A 486 13.10 8.07 -4.33
N LEU A 487 12.16 8.55 -3.52
CA LEU A 487 11.54 9.85 -3.76
C LEU A 487 12.58 10.96 -3.61
N ARG A 488 13.52 10.76 -2.70
CA ARG A 488 14.56 11.75 -2.47
C ARG A 488 15.61 11.75 -3.57
N SER A 489 15.75 10.62 -4.26
CA SER A 489 16.63 10.55 -5.43
C SER A 489 16.11 11.44 -6.54
N ILE A 490 14.79 11.44 -6.73
CA ILE A 490 14.13 12.32 -7.69
C ILE A 490 14.47 13.78 -7.40
N LEU A 491 14.30 14.17 -6.14
CA LEU A 491 14.56 15.54 -5.72
C LEU A 491 16.04 15.90 -5.81
N THR A 492 16.90 14.89 -5.72
CA THR A 492 18.34 15.09 -5.85
C THR A 492 18.70 15.43 -7.30
N ILE A 493 18.08 14.72 -8.23
CA ILE A 493 18.31 14.97 -9.65
C ILE A 493 17.89 16.39 -10.04
N SER A 494 16.69 16.78 -9.63
CA SER A 494 16.20 18.12 -9.93
C SER A 494 17.06 19.18 -9.25
N ARG A 495 17.68 18.81 -8.13
CA ARG A 495 18.60 19.70 -7.44
C ARG A 495 19.85 19.92 -8.27
N HIS A 496 20.40 18.84 -8.81
CA HIS A 496 21.53 18.93 -9.74
C HIS A 496 21.14 19.77 -10.96
N GLY A 497 19.91 19.57 -11.42
CA GLY A 497 19.42 20.28 -12.58
C GLY A 497 19.31 21.77 -12.38
N ASN A 498 18.76 22.18 -11.23
CA ASN A 498 18.66 23.60 -10.88
C ASN A 498 20.03 24.25 -10.78
N GLN A 499 20.98 23.54 -10.19
CA GLN A 499 22.35 24.02 -10.07
C GLN A 499 22.97 24.21 -11.44
N TYR A 500 22.70 23.26 -12.33
CA TYR A 500 23.19 23.28 -13.71
C TYR A 500 22.66 24.51 -14.46
N ILE A 501 21.37 24.78 -14.32
CA ILE A 501 20.75 25.92 -14.98
C ILE A 501 21.26 27.23 -14.40
N GLN A 502 21.34 27.32 -13.08
CA GLN A 502 21.71 28.56 -12.41
C GLN A 502 23.14 29.00 -12.74
N VAL A 503 24.05 28.04 -12.86
CA VAL A 503 25.46 28.34 -13.12
C VAL A 503 25.70 28.69 -14.59
N ASN A 504 24.88 28.15 -15.48
CA ASN A 504 25.05 28.38 -16.91
C ASN A 504 24.27 29.59 -17.41
N GLU A 505 23.28 30.01 -16.64
CA GLU A 505 22.41 31.15 -16.97
C GLU A 505 21.99 31.20 -18.44
N PRO A 506 21.28 30.18 -18.92
CA PRO A 506 20.93 30.11 -20.35
C PRO A 506 20.03 31.26 -20.80
N TRP A 507 19.21 31.78 -19.90
CA TRP A 507 18.29 32.86 -20.25
C TRP A 507 19.01 34.20 -20.46
N LYS A 508 20.28 34.23 -20.05
CA LYS A 508 21.11 35.42 -20.27
C LYS A 508 22.01 35.24 -21.48
N ARG A 509 22.65 34.08 -21.56
CA ARG A 509 23.60 33.77 -22.63
C ARG A 509 22.94 33.75 -24.01
N ILE A 510 21.62 33.52 -24.02
CA ILE A 510 20.86 33.45 -25.26
C ILE A 510 20.84 34.82 -25.95
N LYS A 511 21.24 35.86 -25.22
CA LYS A 511 21.27 37.22 -25.76
C LYS A 511 22.68 37.64 -26.15
N GLY A 512 23.59 36.68 -26.28
CA GLY A 512 24.98 37.00 -26.54
C GLY A 512 25.49 36.53 -27.89
N SER A 513 26.80 36.27 -27.94
CA SER A 513 27.46 35.81 -29.17
C SER A 513 26.87 34.49 -29.66
N GLU A 514 27.22 34.11 -30.89
CA GLU A 514 26.73 32.85 -31.45
C GLU A 514 27.29 31.69 -30.64
N ALA A 515 28.47 31.89 -30.06
CA ALA A 515 29.05 30.91 -29.15
C ALA A 515 28.17 30.75 -27.91
N ASP A 516 27.86 31.88 -27.28
CA ASP A 516 27.00 31.90 -26.10
C ASP A 516 25.63 31.27 -26.39
N ARG A 517 25.09 31.58 -27.56
CA ARG A 517 23.78 31.08 -27.96
C ARG A 517 23.77 29.56 -28.10
N GLN A 518 24.90 28.99 -28.53
CA GLN A 518 25.01 27.55 -28.68
C GLN A 518 25.07 26.88 -27.31
N ARG A 519 25.73 27.53 -26.36
CA ARG A 519 25.78 27.03 -24.99
C ARG A 519 24.39 27.02 -24.37
N ALA A 520 23.67 28.12 -24.56
CA ALA A 520 22.31 28.24 -24.04
C ALA A 520 21.40 27.14 -24.58
N GLY A 521 21.56 26.83 -25.86
CA GLY A 521 20.79 25.78 -26.50
C GLY A 521 21.10 24.41 -25.92
N THR A 522 22.38 24.13 -25.72
CA THR A 522 22.82 22.85 -25.17
C THR A 522 22.27 22.63 -23.76
N VAL A 523 22.46 23.64 -22.91
CA VAL A 523 21.95 23.60 -21.54
C VAL A 523 20.45 23.40 -21.52
N THR A 524 19.75 24.11 -22.40
CA THR A 524 18.30 24.05 -22.48
C THR A 524 17.82 22.66 -22.88
N GLY A 525 18.40 22.12 -23.94
CA GLY A 525 18.02 20.80 -24.44
C GLY A 525 18.33 19.69 -23.44
N LEU A 526 19.48 19.81 -22.76
CA LEU A 526 19.87 18.83 -21.76
C LEU A 526 18.94 18.90 -20.56
N ALA A 527 18.61 20.11 -20.14
CA ALA A 527 17.73 20.33 -19.00
C ALA A 527 16.34 19.73 -19.24
N VAL A 528 15.81 19.93 -20.44
CA VAL A 528 14.46 19.45 -20.75
C VAL A 528 14.45 17.93 -20.89
N ASN A 529 15.60 17.33 -21.20
CA ASN A 529 15.70 15.88 -21.27
C ASN A 529 15.73 15.28 -19.88
N ILE A 530 16.34 16.01 -18.94
CA ILE A 530 16.31 15.63 -17.54
C ILE A 530 14.88 15.75 -17.03
N ALA A 531 14.19 16.80 -17.47
CA ALA A 531 12.81 17.03 -17.12
C ALA A 531 11.93 15.88 -17.59
N ALA A 532 12.23 15.35 -18.77
CA ALA A 532 11.50 14.22 -19.33
C ALA A 532 11.71 12.96 -18.49
N LEU A 533 12.95 12.74 -18.07
CA LEU A 533 13.28 11.59 -17.22
C LEU A 533 12.55 11.68 -15.88
N LEU A 534 12.61 12.85 -15.26
CA LEU A 534 11.96 13.09 -13.98
C LEU A 534 10.47 12.77 -14.04
N SER A 535 9.83 13.11 -15.16
CA SER A 535 8.41 12.86 -15.34
C SER A 535 8.07 11.38 -15.23
N VAL A 536 8.96 10.52 -15.72
CA VAL A 536 8.75 9.08 -15.66
C VAL A 536 9.05 8.54 -14.26
N MET A 537 10.15 8.99 -13.68
CA MET A 537 10.52 8.60 -12.32
C MET A 537 9.46 9.04 -11.31
N LEU A 538 8.79 10.14 -11.61
CA LEU A 538 7.80 10.73 -10.72
C LEU A 538 6.45 10.02 -10.79
N GLN A 539 6.24 9.26 -11.87
CA GLN A 539 4.95 8.62 -12.13
C GLN A 539 4.45 7.70 -11.01
N PRO A 540 5.33 6.86 -10.42
CA PRO A 540 4.82 6.04 -9.33
C PRO A 540 4.38 6.86 -8.10
N TYR A 541 4.91 8.08 -7.96
CA TYR A 541 4.64 8.90 -6.79
C TYR A 541 3.52 9.90 -7.04
N MET A 542 3.60 10.61 -8.16
CA MET A 542 2.61 11.62 -8.51
C MET A 542 2.15 11.44 -9.96
N PRO A 543 1.23 10.50 -10.19
CA PRO A 543 0.78 10.08 -11.53
C PRO A 543 0.16 11.21 -12.34
N THR A 544 -0.60 12.09 -11.70
CA THR A 544 -1.24 13.19 -12.40
C THR A 544 -0.21 14.22 -12.88
N VAL A 545 0.68 14.61 -11.98
CA VAL A 545 1.74 15.56 -12.32
C VAL A 545 2.63 14.99 -13.42
N SER A 546 2.91 13.69 -13.32
CA SER A 546 3.68 12.99 -14.34
C SER A 546 3.05 13.15 -15.72
N ALA A 547 1.75 12.89 -15.79
CA ALA A 547 1.00 13.00 -17.05
C ALA A 547 0.97 14.45 -17.54
N THR A 548 0.86 15.39 -16.61
CA THR A 548 0.85 16.81 -16.93
C THR A 548 2.15 17.23 -17.60
N ILE A 549 3.27 16.85 -17.00
CA ILE A 549 4.58 17.16 -17.55
C ILE A 549 4.76 16.57 -18.93
N GLN A 550 4.39 15.30 -19.07
CA GLN A 550 4.55 14.57 -20.32
C GLN A 550 3.68 15.17 -21.41
N ALA A 551 2.56 15.77 -21.02
CA ALA A 551 1.69 16.46 -21.97
C ALA A 551 2.31 17.79 -22.38
N GLN A 552 2.93 18.49 -21.43
CA GLN A 552 3.56 19.78 -21.70
C GLN A 552 4.79 19.63 -22.58
N LEU A 553 5.47 18.48 -22.47
CA LEU A 553 6.67 18.23 -23.24
C LEU A 553 6.38 17.36 -24.46
N GLN A 554 5.13 16.87 -24.53
CA GLN A 554 4.69 15.95 -25.57
C GLN A 554 5.66 14.77 -25.71
N LEU A 555 6.02 14.18 -24.58
CA LEU A 555 6.86 12.99 -24.55
C LEU A 555 6.10 11.82 -25.15
N PRO A 556 6.72 11.13 -26.12
CA PRO A 556 6.09 9.98 -26.79
C PRO A 556 5.67 8.89 -25.80
N PRO A 557 4.51 8.27 -26.03
CA PRO A 557 3.95 7.20 -25.19
C PRO A 557 4.94 6.06 -24.84
N PRO A 558 5.75 5.58 -25.79
CA PRO A 558 6.66 4.49 -25.37
C PRO A 558 7.70 4.94 -24.35
N ALA A 559 8.08 6.22 -24.39
CA ALA A 559 9.04 6.76 -23.43
C ALA A 559 8.39 6.99 -22.07
N CYS A 560 7.07 7.14 -22.08
CA CYS A 560 6.32 7.41 -20.85
C CYS A 560 6.06 6.14 -20.04
N SER A 561 6.05 4.99 -20.71
CA SER A 561 5.61 3.75 -20.07
C SER A 561 6.73 2.77 -19.74
N ILE A 562 7.99 3.21 -19.87
CA ILE A 562 9.11 2.37 -19.47
C ILE A 562 10.25 3.21 -18.90
N LEU A 563 10.89 2.69 -17.84
CA LEU A 563 12.01 3.38 -17.22
C LEU A 563 13.26 2.52 -17.26
N LEU A 564 14.19 2.86 -18.16
CA LEU A 564 15.44 2.13 -18.29
C LEU A 564 16.43 2.56 -17.21
N THR A 565 17.47 1.75 -17.02
CA THR A 565 18.47 2.02 -15.99
C THR A 565 19.49 3.03 -16.45
N ASN A 566 19.35 3.50 -17.69
CA ASN A 566 20.23 4.52 -18.22
C ASN A 566 19.44 5.77 -18.62
N PHE A 567 20.08 6.93 -18.47
CA PHE A 567 19.46 8.20 -18.85
C PHE A 567 19.57 8.40 -20.35
N LEU A 568 18.42 8.39 -21.02
CA LEU A 568 18.37 8.50 -22.48
C LEU A 568 17.98 9.90 -22.95
N CYS A 569 18.29 10.19 -24.20
CA CYS A 569 17.82 11.40 -24.86
C CYS A 569 16.46 11.13 -25.47
N THR A 570 15.40 11.37 -24.70
CA THR A 570 14.05 11.11 -25.16
C THR A 570 13.48 12.27 -25.95
N LEU A 571 14.07 13.44 -25.76
CA LEU A 571 13.68 14.64 -26.51
C LEU A 571 14.83 15.13 -27.37
N PRO A 572 15.03 14.49 -28.54
CA PRO A 572 16.15 14.86 -29.40
C PRO A 572 15.96 16.27 -29.99
N ALA A 573 17.03 16.83 -30.52
CA ALA A 573 16.95 18.15 -31.15
C ALA A 573 15.92 18.13 -32.28
N GLY A 574 15.07 19.15 -32.32
CA GLY A 574 14.05 19.23 -33.34
C GLY A 574 12.69 18.79 -32.83
N HIS A 575 12.66 18.08 -31.71
CA HIS A 575 11.41 17.66 -31.11
C HIS A 575 10.62 18.86 -30.65
N GLN A 576 9.32 18.87 -30.96
CA GLN A 576 8.47 20.01 -30.57
C GLN A 576 7.66 19.68 -29.32
N ILE A 577 7.75 20.57 -28.33
CA ILE A 577 6.99 20.41 -27.09
C ILE A 577 5.67 21.17 -27.18
N GLY A 578 4.79 20.92 -26.22
CA GLY A 578 3.50 21.59 -26.18
C GLY A 578 3.59 22.93 -25.47
N THR A 579 2.50 23.32 -24.82
CA THR A 579 2.47 24.57 -24.06
C THR A 579 2.73 24.32 -22.58
N VAL A 580 3.68 25.06 -22.03
CA VAL A 580 4.10 24.85 -20.64
C VAL A 580 3.35 25.75 -19.67
N SER A 581 3.20 25.26 -18.44
CA SER A 581 2.50 25.97 -17.39
C SER A 581 3.06 25.50 -16.04
N PRO A 582 3.15 26.41 -15.06
CA PRO A 582 3.68 26.08 -13.73
C PRO A 582 3.03 24.85 -13.13
N LEU A 583 3.85 23.89 -12.70
CA LEU A 583 3.36 22.61 -12.23
C LEU A 583 2.64 22.69 -10.88
N PHE A 584 3.21 23.45 -9.96
CA PHE A 584 2.72 23.46 -8.58
C PHE A 584 2.30 24.84 -8.11
N GLN A 585 1.33 24.85 -7.19
CA GLN A 585 0.89 26.08 -6.54
C GLN A 585 1.43 26.12 -5.12
N LYS A 586 1.74 27.32 -4.64
CA LYS A 586 2.24 27.46 -3.28
C LYS A 586 1.11 27.26 -2.27
N LEU A 587 1.47 26.80 -1.08
CA LEU A 587 0.50 26.67 0.00
C LEU A 587 0.67 27.84 0.95
N GLU A 588 -0.44 28.45 1.36
CA GLU A 588 -0.41 29.66 2.17
C GLU A 588 -0.68 29.36 3.64
N ASN A 589 -0.11 30.18 4.52
CA ASN A 589 -0.24 30.00 5.96
C ASN A 589 -1.69 30.08 6.44
N ASP A 590 -2.45 31.03 5.88
CA ASP A 590 -3.86 31.19 6.21
C ASP A 590 -4.66 29.96 5.83
N GLN A 591 -4.43 29.49 4.61
CA GLN A 591 -5.10 28.31 4.08
C GLN A 591 -4.83 27.07 4.92
N ILE A 592 -3.58 26.91 5.34
CA ILE A 592 -3.17 25.73 6.09
C ILE A 592 -3.66 25.76 7.54
N GLU A 593 -3.62 26.93 8.16
CA GLU A 593 -4.08 27.06 9.54
C GLU A 593 -5.58 26.78 9.65
N SER A 594 -6.32 27.14 8.62
CA SER A 594 -7.76 26.86 8.58
C SER A 594 -8.01 25.35 8.51
N LEU A 595 -7.21 24.66 7.70
CA LEU A 595 -7.32 23.22 7.57
C LEU A 595 -6.89 22.52 8.85
N ARG A 596 -5.82 23.02 9.48
CA ARG A 596 -5.34 22.46 10.73
C ARG A 596 -6.41 22.52 11.81
N GLN A 597 -7.06 23.67 11.93
CA GLN A 597 -8.12 23.85 12.91
C GLN A 597 -9.31 22.94 12.60
N ARG A 598 -9.58 22.75 11.31
CA ARG A 598 -10.70 21.95 10.87
C ARG A 598 -10.57 20.48 11.30
N PHE A 599 -9.36 19.94 11.20
CA PHE A 599 -9.14 18.53 11.49
C PHE A 599 -8.47 18.31 12.84
N GLY A 600 -8.38 19.37 13.64
CA GLY A 600 -7.65 19.31 14.89
C GLY A 600 -8.41 18.70 16.07
N GLY A 601 -9.73 18.83 16.05
CA GLY A 601 -10.55 18.30 17.13
C GLY A 601 -11.14 19.40 17.98
N GLY A 602 -10.70 20.63 17.76
CA GLY A 602 -11.20 21.78 18.51
C GLY A 602 -12.56 22.24 18.00
N GLN A 603 -12.94 21.78 16.82
CA GLN A 603 -14.23 22.10 16.26
C GLN A 603 -15.19 20.90 16.38
N ALA A 604 -16.49 21.19 16.28
CA ALA A 604 -17.53 20.16 16.29
C ALA A 604 -17.42 19.20 17.46
ZN ZN B . -29.48 -10.66 26.62
ZN ZN C . -13.57 -10.50 43.17
C1 GOL D . 2.96 -0.76 -20.51
O1 GOL D . 2.08 0.16 -21.11
C2 GOL D . 3.00 -0.50 -19.01
O2 GOL D . 4.16 0.22 -18.68
C3 GOL D . 3.01 -1.84 -18.27
O3 GOL D . 4.24 -2.48 -18.47
C1 GOL E . -13.95 -35.82 20.74
O1 GOL E . -13.54 -35.64 19.39
C2 GOL E . -13.56 -34.60 21.55
O2 GOL E . -13.29 -33.51 20.69
C3 GOL E . -14.69 -34.23 22.49
O3 GOL E . -14.81 -32.83 22.53
#